data_4ZZT
#
_entry.id   4ZZT
#
_cell.length_a   42.470
_cell.length_b   80.760
_cell.length_c   55.060
_cell.angle_alpha   90.00
_cell.angle_beta   109.60
_cell.angle_gamma   90.00
#
_symmetry.space_group_name_H-M   'P 1 21 1'
#
loop_
_entity.id
_entity.type
_entity.pdbx_description
1 polymer 'CELLOBIOHYDROLASE CEL7A'
2 branched alpha-D-mannopyranose-(1-4)-2-acetamido-2-deoxy-beta-D-glucopyranose-(1-4)-2-acetamido-2-deoxy-beta-D-glucopyranose
3 branched beta-D-glucopyranose-(1-4)-4-thio-beta-D-glucopyranose-(1-4)-4-thio-beta-D-glucopyranose
4 non-polymer 2-acetamido-2-deoxy-beta-D-glucopyranose
5 non-polymer GLYCEROL
6 non-polymer 'MAGNESIUM ION'
7 water water
#
_entity_poly.entity_id   1
_entity_poly.type   'polypeptide(L)'
_entity_poly.pdbx_seq_one_letter_code
;(PCA)QIGTLTTETHPPLTWQTCTSGGSCTTNNGKVVLDANWRWLHSTSGSTNCYTGNTWNTTLCPDDTTCAQNCALDGA
DYEGTYGITASGNSLRLNFVTNGSQKNVGSRTYLMKDDTHYQTFNLLNQEFTFDVDVSGLPCGLNGALYMVPMAADGGVS
NEPNNKAGAQYGVGYCDSQCPRDLKFIAGSANVQGWEPASNSANSGLGGNGSCCAELDIWEANSISAALTPHSADTVTQT
VCNGDDCGGTYSNDRYSGTTDPDGCDFNSYRQGDTSFYGPGKTVDTNSKFTVVTQFLTDSSGNLNEIKRFYVQNGVVIPN
SQSTIAGISGNSITQDYCTAQKQVFGDTNTWEDHGGFQSMTNAFKAGMVLVMSLWDDYYADMLWLDSVAYPTDADPSTPG
VARGTCSTTSGVPSDIESSAASAYVIYSNIKVGPINSTFSGT
;
_entity_poly.pdbx_strand_id   A
#
loop_
_chem_comp.id
_chem_comp.type
_chem_comp.name
_chem_comp.formula
BGC D-saccharide, beta linking beta-D-glucopyranose 'C6 H12 O6'
GOL non-polymer GLYCEROL 'C3 H8 O3'
MAN D-saccharide, alpha linking alpha-D-mannopyranose 'C6 H12 O6'
MG non-polymer 'MAGNESIUM ION' 'Mg 2'
NAG D-saccharide, beta linking 2-acetamido-2-deoxy-beta-D-glucopyranose 'C8 H15 N O6'
SGC D-saccharide, beta linking 4-thio-beta-D-glucopyranose 'C6 H12 O5 S'
#
# COMPACT_ATOMS: atom_id res chain seq x y z
N PCA A 1 -4.35 -8.20 20.14
CA PCA A 1 -5.43 -7.30 20.51
CB PCA A 1 -5.48 -6.29 19.37
CG PCA A 1 -4.72 -6.94 18.22
CD PCA A 1 -3.97 -8.07 18.88
OE PCA A 1 -3.13 -8.76 18.32
C PCA A 1 -6.75 -7.99 20.64
O PCA A 1 -7.04 -8.95 19.91
N GLN A 2 -7.56 -7.49 21.56
CA GLN A 2 -8.89 -8.06 21.83
C GLN A 2 -9.96 -7.46 20.92
N ILE A 3 -11.12 -8.11 20.93
CA ILE A 3 -12.29 -7.62 20.20
C ILE A 3 -13.07 -6.69 21.11
N GLY A 4 -13.17 -5.42 20.73
CA GLY A 4 -13.98 -4.45 21.46
C GLY A 4 -15.43 -4.67 21.11
N THR A 5 -16.33 -4.42 22.06
CA THR A 5 -17.75 -4.67 21.84
C THR A 5 -18.62 -3.44 22.03
N LEU A 6 -17.99 -2.27 22.16
CA LEU A 6 -18.74 -1.03 22.38
C LEU A 6 -19.36 -0.44 21.10
N THR A 7 -18.80 -0.80 19.94
CA THR A 7 -19.25 -0.30 18.64
C THR A 7 -19.24 -1.44 17.63
N THR A 8 -20.39 -1.68 16.99
N THR A 8 -20.38 -1.71 17.00
CA THR A 8 -20.51 -2.69 15.94
CA THR A 8 -20.46 -2.80 16.03
C THR A 8 -19.47 -2.49 14.86
C THR A 8 -19.52 -2.52 14.87
N GLU A 9 -18.88 -3.59 14.39
CA GLU A 9 -17.98 -3.53 13.23
C GLU A 9 -18.74 -4.11 12.05
N THR A 10 -19.14 -3.24 11.13
CA THR A 10 -19.81 -3.65 9.91
C THR A 10 -18.91 -3.24 8.76
N HIS A 11 -18.45 -4.23 8.00
CA HIS A 11 -17.54 -4.01 6.88
C HIS A 11 -18.34 -3.56 5.66
N PRO A 12 -18.05 -2.37 5.12
CA PRO A 12 -18.78 -1.92 3.91
C PRO A 12 -18.60 -2.90 2.76
N PRO A 13 -19.70 -3.27 2.08
CA PRO A 13 -19.56 -4.16 0.92
C PRO A 13 -18.83 -3.52 -0.26
N LEU A 14 -18.05 -4.35 -0.96
CA LEU A 14 -17.41 -3.94 -2.18
C LEU A 14 -17.39 -5.14 -3.09
N THR A 15 -18.02 -5.00 -4.25
N THR A 15 -18.06 -5.06 -4.23
CA THR A 15 -18.10 -6.05 -5.25
CA THR A 15 -18.06 -6.18 -5.16
C THR A 15 -16.87 -5.96 -6.15
C THR A 15 -16.94 -5.99 -6.17
N TRP A 16 -16.32 -7.12 -6.55
CA TRP A 16 -15.22 -7.15 -7.50
C TRP A 16 -15.45 -8.38 -8.38
N GLN A 17 -14.73 -8.47 -9.49
CA GLN A 17 -15.05 -9.47 -10.50
C GLN A 17 -13.91 -10.44 -10.80
N THR A 18 -14.30 -11.67 -11.11
CA THR A 18 -13.40 -12.68 -11.62
C THR A 18 -13.79 -12.95 -13.07
N CYS A 19 -12.82 -12.90 -13.98
CA CYS A 19 -13.09 -13.02 -15.42
C CYS A 19 -12.46 -14.25 -16.04
N THR A 20 -13.11 -14.75 -17.09
CA THR A 20 -12.58 -15.82 -17.94
C THR A 20 -11.73 -15.21 -19.04
N SER A 21 -10.98 -16.05 -19.76
CA SER A 21 -10.09 -15.58 -20.82
C SER A 21 -10.81 -14.78 -21.92
N GLY A 22 -12.09 -15.08 -22.16
CA GLY A 22 -12.89 -14.39 -23.18
C GLY A 22 -13.57 -13.11 -22.73
N GLY A 23 -13.30 -12.68 -21.50
CA GLY A 23 -13.83 -11.41 -21.01
C GLY A 23 -15.20 -11.49 -20.35
N SER A 24 -15.71 -12.70 -20.10
CA SER A 24 -16.93 -12.87 -19.33
C SER A 24 -16.56 -12.90 -17.86
N CYS A 25 -17.23 -12.06 -17.06
CA CYS A 25 -16.85 -11.87 -15.66
C CYS A 25 -18.04 -12.10 -14.76
N THR A 26 -17.76 -12.59 -13.55
CA THR A 26 -18.78 -12.74 -12.52
C THR A 26 -18.38 -12.01 -11.27
N THR A 27 -19.38 -11.66 -10.46
CA THR A 27 -19.18 -10.78 -9.32
C THR A 27 -18.88 -11.59 -8.07
N ASN A 28 -18.06 -11.00 -7.20
CA ASN A 28 -17.77 -11.55 -5.89
C ASN A 28 -18.17 -10.49 -4.87
N ASN A 29 -18.95 -10.88 -3.86
CA ASN A 29 -19.37 -9.91 -2.85
C ASN A 29 -18.36 -9.86 -1.73
N GLY A 30 -17.40 -8.97 -1.87
CA GLY A 30 -16.37 -8.75 -0.87
C GLY A 30 -16.81 -7.68 0.10
N LYS A 31 -15.90 -7.35 1.01
CA LYS A 31 -16.13 -6.33 2.02
C LYS A 31 -14.81 -5.63 2.26
N VAL A 32 -14.83 -4.42 2.81
N VAL A 32 -14.88 -4.45 2.88
CA VAL A 32 -13.59 -3.77 3.15
CA VAL A 32 -13.73 -3.62 3.17
C VAL A 32 -13.50 -3.53 4.65
C VAL A 32 -13.53 -3.54 4.69
N VAL A 33 -12.29 -3.60 5.17
CA VAL A 33 -12.02 -3.43 6.60
C VAL A 33 -10.91 -2.41 6.82
N LEU A 34 -11.11 -1.56 7.82
CA LEU A 34 -10.15 -0.54 8.20
C LEU A 34 -9.01 -1.15 9.00
N ASP A 35 -7.79 -0.74 8.67
CA ASP A 35 -6.60 -1.15 9.40
C ASP A 35 -6.69 -0.80 10.89
N ALA A 36 -6.20 -1.71 11.72
CA ALA A 36 -6.29 -1.60 13.18
C ALA A 36 -5.70 -0.32 13.76
N ASN A 37 -4.64 0.20 13.16
CA ASN A 37 -3.99 1.41 13.70
C ASN A 37 -4.90 2.63 13.78
N TRP A 38 -5.94 2.67 12.95
CA TRP A 38 -6.85 3.81 12.90
C TRP A 38 -7.97 3.74 13.94
N ARG A 39 -8.11 2.58 14.57
CA ARG A 39 -9.24 2.31 15.46
C ARG A 39 -9.05 2.86 16.86
N TRP A 40 -10.17 3.03 17.55
CA TRP A 40 -10.17 3.26 18.97
C TRP A 40 -9.66 1.98 19.66
N LEU A 41 -8.71 2.16 20.57
CA LEU A 41 -8.10 1.07 21.33
C LEU A 41 -8.33 1.35 22.80
N HIS A 42 -9.15 0.53 23.46
CA HIS A 42 -9.56 0.80 24.82
C HIS A 42 -9.51 -0.46 25.67
N SER A 43 -9.58 -0.27 26.98
CA SER A 43 -9.62 -1.37 27.92
C SER A 43 -10.77 -2.34 27.62
N THR A 44 -10.53 -3.63 27.85
CA THR A 44 -11.60 -4.62 27.81
C THR A 44 -12.67 -4.43 28.87
N SER A 45 -12.38 -3.64 29.91
N SER A 45 -12.36 -3.65 29.92
CA SER A 45 -13.33 -3.40 31.00
CA SER A 45 -13.32 -3.36 31.00
C SER A 45 -14.15 -2.11 30.83
C SER A 45 -14.34 -2.30 30.60
N GLY A 46 -13.93 -1.37 29.74
CA GLY A 46 -14.76 -0.19 29.47
C GLY A 46 -14.15 0.75 28.45
N SER A 47 -14.40 2.04 28.62
CA SER A 47 -14.03 3.02 27.60
C SER A 47 -12.65 3.69 27.79
N THR A 48 -11.91 3.30 28.82
CA THR A 48 -10.58 3.91 29.06
C THR A 48 -9.63 3.60 27.89
N ASN A 49 -8.99 4.64 27.32
N ASN A 49 -8.99 4.64 27.32
CA ASN A 49 -8.05 4.47 26.21
CA ASN A 49 -8.06 4.47 26.22
C ASN A 49 -6.76 3.76 26.61
C ASN A 49 -6.79 3.72 26.65
N CYS A 50 -6.32 2.82 25.80
CA CYS A 50 -4.97 2.23 25.94
C CYS A 50 -3.95 3.10 25.22
N TYR A 51 -4.43 3.85 24.23
CA TYR A 51 -3.58 4.69 23.39
C TYR A 51 -4.36 5.94 23.04
N THR A 52 -3.70 7.08 23.13
CA THR A 52 -4.32 8.37 22.91
C THR A 52 -3.28 9.27 22.24
N GLY A 53 -3.64 9.91 21.13
CA GLY A 53 -2.73 10.84 20.44
C GLY A 53 -1.55 10.09 19.85
N ASN A 54 -0.40 10.17 20.53
CA ASN A 54 0.78 9.39 20.13
C ASN A 54 1.47 8.66 21.30
N THR A 55 0.75 8.49 22.41
CA THR A 55 1.31 7.81 23.58
C THR A 55 0.38 6.75 24.14
N TRP A 56 0.97 5.80 24.85
CA TRP A 56 0.23 4.70 25.47
C TRP A 56 -0.10 4.99 26.91
N ASN A 57 -1.17 4.35 27.39
CA ASN A 57 -1.45 4.25 28.81
C ASN A 57 -0.60 3.12 29.37
N THR A 58 0.40 3.46 30.18
CA THR A 58 1.36 2.48 30.67
C THR A 58 0.85 1.64 31.85
N THR A 59 -0.29 2.02 32.42
CA THR A 59 -0.97 1.17 33.41
C THR A 59 -1.61 -0.02 32.71
N LEU A 60 -2.34 0.26 31.63
CA LEU A 60 -2.97 -0.78 30.82
C LEU A 60 -1.95 -1.52 29.97
N CYS A 61 -0.90 -0.81 29.56
CA CYS A 61 0.13 -1.37 28.68
C CYS A 61 1.54 -1.20 29.25
N PRO A 62 1.85 -1.93 30.35
CA PRO A 62 3.19 -1.86 30.94
C PRO A 62 4.22 -2.65 30.16
N ASP A 63 3.75 -3.55 29.29
CA ASP A 63 4.60 -4.30 28.39
C ASP A 63 3.75 -4.79 27.21
N ASP A 64 4.41 -5.38 26.21
CA ASP A 64 3.74 -5.74 24.96
C ASP A 64 2.66 -6.80 25.13
N THR A 65 2.90 -7.76 26.02
CA THR A 65 1.99 -8.88 26.21
C THR A 65 0.76 -8.47 27.01
N THR A 66 1.01 -7.82 28.14
N THR A 66 0.97 -7.82 28.15
CA THR A 66 -0.06 -7.33 29.02
CA THR A 66 -0.17 -7.42 28.98
C THR A 66 -0.98 -6.38 28.27
C THR A 66 -1.01 -6.36 28.27
N CYS A 67 -0.38 -5.51 27.46
CA CYS A 67 -1.12 -4.57 26.63
C CYS A 67 -2.08 -5.28 25.68
N ALA A 68 -1.57 -6.30 24.99
CA ALA A 68 -2.43 -7.08 24.09
C ALA A 68 -3.56 -7.80 24.82
N GLN A 69 -3.30 -8.25 26.05
CA GLN A 69 -4.32 -8.90 26.87
C GLN A 69 -5.39 -7.92 27.33
N ASN A 70 -4.99 -6.69 27.61
CA ASN A 70 -5.86 -5.69 28.22
C ASN A 70 -6.63 -4.81 27.24
N CYS A 71 -6.19 -4.77 25.98
CA CYS A 71 -6.67 -3.74 25.06
C CYS A 71 -7.43 -4.31 23.87
N ALA A 72 -8.53 -3.63 23.56
CA ALA A 72 -9.48 -4.07 22.57
C ALA A 72 -9.63 -3.03 21.46
N LEU A 73 -9.58 -3.51 20.22
CA LEU A 73 -9.88 -2.69 19.05
C LEU A 73 -11.38 -2.71 18.84
N ASP A 74 -11.97 -1.55 18.59
CA ASP A 74 -13.42 -1.51 18.44
C ASP A 74 -13.88 -1.15 17.02
N GLY A 75 -15.19 -1.19 16.82
CA GLY A 75 -15.78 -0.93 15.51
C GLY A 75 -15.56 0.49 15.03
N ALA A 76 -15.67 0.66 13.72
CA ALA A 76 -15.40 1.94 13.07
C ALA A 76 -16.62 2.52 12.37
N ASP A 77 -16.83 3.83 12.50
CA ASP A 77 -17.79 4.53 11.66
C ASP A 77 -17.08 4.93 10.37
N TYR A 78 -17.23 4.10 9.36
CA TYR A 78 -16.43 4.19 8.14
C TYR A 78 -16.55 5.55 7.45
N GLU A 79 -17.78 5.98 7.19
CA GLU A 79 -18.00 7.23 6.49
C GLU A 79 -17.81 8.43 7.41
N GLY A 80 -18.43 8.38 8.58
CA GLY A 80 -18.51 9.54 9.47
C GLY A 80 -17.20 9.94 10.12
N THR A 81 -16.38 8.95 10.46
CA THR A 81 -15.10 9.20 11.11
C THR A 81 -13.93 9.17 10.13
N TYR A 82 -13.95 8.23 9.20
CA TYR A 82 -12.78 7.96 8.37
C TYR A 82 -12.92 8.37 6.91
N GLY A 83 -14.11 8.81 6.51
CA GLY A 83 -14.34 9.26 5.14
C GLY A 83 -14.22 8.14 4.11
N ILE A 84 -14.58 6.93 4.53
CA ILE A 84 -14.55 5.76 3.67
C ILE A 84 -15.96 5.40 3.27
N THR A 85 -16.26 5.42 1.97
CA THR A 85 -17.57 5.00 1.49
C THR A 85 -17.41 3.97 0.38
N ALA A 86 -18.17 2.89 0.50
CA ALA A 86 -18.15 1.84 -0.50
C ALA A 86 -19.56 1.68 -1.02
N SER A 87 -19.69 1.71 -2.34
CA SER A 87 -20.99 1.60 -2.98
C SER A 87 -20.85 0.81 -4.27
N GLY A 88 -21.49 -0.35 -4.33
CA GLY A 88 -21.46 -1.19 -5.52
C GLY A 88 -20.04 -1.68 -5.79
N ASN A 89 -19.48 -1.26 -6.91
CA ASN A 89 -18.12 -1.60 -7.31
C ASN A 89 -17.06 -0.54 -6.93
N SER A 90 -17.44 0.49 -6.18
N SER A 90 -17.45 0.48 -6.18
CA SER A 90 -16.55 1.62 -5.96
CA SER A 90 -16.58 1.63 -5.94
C SER A 90 -16.21 1.81 -4.48
C SER A 90 -16.21 1.81 -4.47
N LEU A 91 -14.95 2.16 -4.21
CA LEU A 91 -14.47 2.49 -2.88
C LEU A 91 -13.86 3.88 -2.95
N ARG A 92 -14.41 4.82 -2.19
CA ARG A 92 -13.89 6.17 -2.10
C ARG A 92 -13.23 6.39 -0.75
N LEU A 93 -12.00 6.89 -0.76
CA LEU A 93 -11.29 7.28 0.45
C LEU A 93 -11.07 8.79 0.43
N ASN A 94 -11.53 9.48 1.47
CA ASN A 94 -11.28 10.91 1.63
C ASN A 94 -10.03 11.15 2.45
N PHE A 95 -9.28 12.19 2.09
CA PHE A 95 -8.01 12.49 2.73
C PHE A 95 -8.23 13.00 4.15
N VAL A 96 -9.06 14.03 4.31
CA VAL A 96 -9.34 14.61 5.62
C VAL A 96 -10.83 14.51 5.94
N THR A 97 -11.14 13.96 7.12
CA THR A 97 -12.52 13.89 7.60
C THR A 97 -12.60 14.61 8.93
N ASN A 98 -13.49 15.58 9.00
CA ASN A 98 -13.74 16.35 10.22
C ASN A 98 -14.96 15.78 10.93
N GLY A 99 -14.76 14.65 11.60
CA GLY A 99 -15.78 14.08 12.47
C GLY A 99 -15.68 14.74 13.84
N SER A 100 -15.84 13.95 14.89
CA SER A 100 -15.63 14.45 16.25
C SER A 100 -14.20 14.97 16.40
N GLN A 101 -13.28 14.33 15.67
CA GLN A 101 -11.89 14.76 15.61
C GLN A 101 -11.43 14.63 14.15
N LYS A 102 -10.33 15.30 13.81
CA LYS A 102 -9.75 15.23 12.47
C LYS A 102 -9.10 13.87 12.22
N ASN A 103 -9.49 13.22 11.12
CA ASN A 103 -8.82 12.01 10.66
C ASN A 103 -8.13 12.31 9.34
N VAL A 104 -6.88 11.87 9.22
CA VAL A 104 -6.12 12.00 7.98
C VAL A 104 -5.80 10.62 7.40
N GLY A 105 -6.28 10.40 6.18
CA GLY A 105 -5.99 9.19 5.44
C GLY A 105 -6.63 7.94 6.00
N SER A 106 -6.38 6.83 5.32
CA SER A 106 -6.85 5.53 5.77
C SER A 106 -6.11 4.43 5.03
N ARG A 107 -6.17 3.23 5.59
CA ARG A 107 -5.68 2.02 4.94
C ARG A 107 -6.75 0.96 5.15
N THR A 108 -7.13 0.29 4.07
CA THR A 108 -8.19 -0.72 4.11
C THR A 108 -7.75 -1.98 3.38
N TYR A 109 -8.41 -3.08 3.71
CA TYR A 109 -8.14 -4.38 3.10
C TYR A 109 -9.41 -5.00 2.55
N LEU A 110 -9.28 -5.75 1.47
CA LEU A 110 -10.41 -6.49 0.92
C LEU A 110 -10.59 -7.81 1.66
N MET A 111 -11.84 -8.08 2.07
CA MET A 111 -12.18 -9.28 2.82
C MET A 111 -12.99 -10.25 1.97
N LYS A 112 -12.82 -11.55 2.22
CA LYS A 112 -13.68 -12.56 1.60
C LYS A 112 -14.90 -12.87 2.49
N ASP A 113 -14.70 -12.83 3.80
CA ASP A 113 -15.81 -12.90 4.76
C ASP A 113 -15.42 -12.04 5.96
N ASP A 114 -16.26 -11.97 6.98
CA ASP A 114 -16.04 -11.01 8.05
C ASP A 114 -14.82 -11.29 8.95
N THR A 115 -14.21 -12.47 8.81
CA THR A 115 -13.03 -12.80 9.61
C THR A 115 -11.82 -13.23 8.79
N HIS A 116 -11.88 -13.07 7.47
CA HIS A 116 -10.76 -13.43 6.60
C HIS A 116 -10.55 -12.44 5.46
N TYR A 117 -9.29 -12.05 5.25
CA TYR A 117 -8.93 -11.28 4.07
C TYR A 117 -9.06 -12.18 2.84
N GLN A 118 -9.42 -11.57 1.72
CA GLN A 118 -9.30 -12.25 0.43
C GLN A 118 -7.82 -12.37 0.10
N THR A 119 -7.38 -13.54 -0.36
CA THR A 119 -6.00 -13.66 -0.86
C THR A 119 -5.98 -13.90 -2.37
N PHE A 120 -4.89 -13.46 -2.99
CA PHE A 120 -4.69 -13.54 -4.43
C PHE A 120 -3.35 -14.16 -4.78
N ASN A 121 -3.36 -15.06 -5.76
CA ASN A 121 -2.15 -15.54 -6.41
C ASN A 121 -2.30 -15.17 -7.88
N LEU A 122 -1.62 -14.10 -8.30
CA LEU A 122 -1.82 -13.50 -9.63
C LEU A 122 -0.86 -14.01 -10.69
N LEU A 123 -0.09 -15.04 -10.39
CA LEU A 123 0.81 -15.62 -11.41
C LEU A 123 -0.01 -16.03 -12.63
N ASN A 124 0.43 -15.58 -13.81
CA ASN A 124 -0.30 -15.80 -15.07
C ASN A 124 -1.69 -15.17 -15.09
N GLN A 125 -1.88 -14.14 -14.27
CA GLN A 125 -3.16 -13.43 -14.23
C GLN A 125 -2.89 -11.95 -14.32
N GLU A 126 -3.96 -11.17 -14.43
CA GLU A 126 -3.83 -9.73 -14.36
C GLU A 126 -4.82 -9.18 -13.35
N PHE A 127 -4.45 -8.06 -12.76
CA PHE A 127 -5.29 -7.33 -11.83
C PHE A 127 -5.59 -6.00 -12.48
N THR A 128 -6.87 -5.66 -12.56
CA THR A 128 -7.32 -4.46 -13.26
C THR A 128 -8.30 -3.70 -12.40
N PHE A 129 -8.22 -2.38 -12.47
CA PHE A 129 -9.15 -1.52 -11.76
C PHE A 129 -9.26 -0.18 -12.44
N ASP A 130 -10.35 0.53 -12.15
CA ASP A 130 -10.51 1.91 -12.57
C ASP A 130 -10.15 2.81 -11.40
N VAL A 131 -9.60 3.97 -11.71
CA VAL A 131 -9.24 4.91 -10.67
C VAL A 131 -9.48 6.36 -11.11
N ASP A 132 -9.93 7.18 -10.17
CA ASP A 132 -10.03 8.61 -10.35
C ASP A 132 -9.02 9.23 -9.39
N VAL A 133 -7.95 9.78 -9.96
CA VAL A 133 -6.89 10.46 -9.22
C VAL A 133 -6.92 11.97 -9.39
N SER A 134 -7.96 12.49 -10.04
CA SER A 134 -8.05 13.91 -10.37
C SER A 134 -8.04 14.79 -9.13
N GLY A 135 -8.52 14.24 -8.02
CA GLY A 135 -8.54 14.94 -6.74
C GLY A 135 -7.29 14.75 -5.88
N LEU A 136 -6.22 14.19 -6.43
CA LEU A 136 -4.96 13.99 -5.69
C LEU A 136 -3.85 14.90 -6.20
N PRO A 137 -3.55 16.00 -5.48
CA PRO A 137 -2.45 16.88 -5.87
C PRO A 137 -1.08 16.37 -5.41
N CYS A 138 -0.04 17.17 -5.64
CA CYS A 138 1.30 16.89 -5.13
C CYS A 138 1.26 16.53 -3.67
N GLY A 139 2.01 15.49 -3.30
CA GLY A 139 2.15 15.08 -1.91
C GLY A 139 1.18 14.01 -1.43
N LEU A 140 0.18 13.69 -2.23
N LEU A 140 0.17 13.70 -2.25
CA LEU A 140 -0.75 12.63 -1.86
CA LEU A 140 -0.80 12.66 -1.94
C LEU A 140 -0.45 11.36 -2.62
C LEU A 140 -0.39 11.35 -2.60
N ASN A 141 -0.87 10.23 -2.06
CA ASN A 141 -0.65 8.92 -2.66
C ASN A 141 -1.88 8.08 -2.40
N GLY A 142 -2.63 7.81 -3.46
CA GLY A 142 -3.67 6.80 -3.45
C GLY A 142 -2.98 5.51 -3.84
N ALA A 143 -2.77 4.63 -2.88
CA ALA A 143 -2.04 3.40 -3.12
C ALA A 143 -2.97 2.20 -3.13
N LEU A 144 -2.84 1.38 -4.16
CA LEU A 144 -3.49 0.08 -4.22
C LEU A 144 -2.36 -0.93 -4.41
N TYR A 145 -2.26 -1.88 -3.50
CA TYR A 145 -1.11 -2.76 -3.46
C TYR A 145 -1.42 -4.05 -2.74
N MET A 146 -0.43 -4.93 -2.67
CA MET A 146 -0.62 -6.24 -2.11
C MET A 146 0.53 -6.63 -1.20
N VAL A 147 0.18 -7.24 -0.07
CA VAL A 147 1.17 -7.77 0.88
C VAL A 147 0.69 -9.13 1.37
N PRO A 148 1.61 -10.05 1.63
CA PRO A 148 1.17 -11.38 2.06
C PRO A 148 0.88 -11.45 3.57
N MET A 149 -0.12 -10.69 4.00
CA MET A 149 -0.63 -10.78 5.36
C MET A 149 -1.34 -12.12 5.57
N ALA A 150 -1.32 -12.62 6.80
CA ALA A 150 -2.04 -13.85 7.13
C ALA A 150 -3.53 -13.61 6.86
N ALA A 151 -4.17 -14.55 6.19
CA ALA A 151 -5.58 -14.39 5.79
C ALA A 151 -6.50 -14.17 6.98
N ASP A 152 -6.20 -14.80 8.11
CA ASP A 152 -7.01 -14.64 9.32
C ASP A 152 -6.56 -13.49 10.22
N GLY A 153 -5.61 -12.69 9.77
CA GLY A 153 -5.08 -11.59 10.56
C GLY A 153 -4.14 -12.02 11.69
N GLY A 154 -3.74 -13.29 11.68
CA GLY A 154 -2.79 -13.84 12.66
C GLY A 154 -3.38 -14.62 13.81
N VAL A 155 -4.71 -14.74 13.87
CA VAL A 155 -5.35 -15.31 15.07
C VAL A 155 -4.94 -16.76 15.36
N SER A 156 -4.73 -17.57 14.32
CA SER A 156 -4.53 -19.01 14.53
C SER A 156 -3.31 -19.37 15.39
N ASN A 157 -2.26 -18.56 15.37
CA ASN A 157 -1.06 -18.84 16.17
C ASN A 157 -0.62 -17.69 17.09
N GLU A 158 -1.56 -16.79 17.39
CA GLU A 158 -1.31 -15.64 18.25
C GLU A 158 -2.39 -15.61 19.33
N PRO A 159 -2.12 -16.23 20.49
CA PRO A 159 -3.15 -16.37 21.52
C PRO A 159 -3.77 -15.05 22.00
N ASN A 160 -2.99 -13.98 22.02
CA ASN A 160 -3.49 -12.66 22.47
C ASN A 160 -4.09 -11.82 21.36
N ASN A 161 -4.19 -12.39 20.16
CA ASN A 161 -4.84 -11.74 19.04
C ASN A 161 -6.18 -12.41 18.76
N LYS A 162 -7.25 -11.81 19.27
CA LYS A 162 -8.62 -12.24 18.95
C LYS A 162 -9.24 -11.40 17.83
N ALA A 163 -8.81 -10.14 17.71
CA ALA A 163 -9.41 -9.20 16.76
C ALA A 163 -9.20 -9.60 15.29
N GLY A 164 -7.97 -9.98 14.95
CA GLY A 164 -7.67 -10.52 13.62
C GLY A 164 -8.09 -9.69 12.43
N ALA A 165 -8.35 -10.36 11.32
CA ALA A 165 -8.76 -9.70 10.07
C ALA A 165 -10.03 -8.87 10.24
N GLN A 166 -10.92 -9.31 11.12
CA GLN A 166 -12.17 -8.62 11.38
C GLN A 166 -11.95 -7.14 11.76
N TYR A 167 -10.81 -6.86 12.37
CA TYR A 167 -10.47 -5.50 12.81
C TYR A 167 -9.20 -4.99 12.16
N GLY A 168 -8.85 -5.57 11.00
CA GLY A 168 -7.75 -5.05 10.20
C GLY A 168 -6.39 -5.24 10.83
N VAL A 169 -6.21 -6.35 11.55
CA VAL A 169 -4.94 -6.66 12.20
C VAL A 169 -4.05 -7.46 11.25
N GLY A 170 -2.74 -7.30 11.38
CA GLY A 170 -1.79 -8.17 10.70
C GLY A 170 -0.93 -7.51 9.64
N TYR A 171 -0.98 -6.20 9.55
CA TYR A 171 -0.24 -5.50 8.49
C TYR A 171 1.25 -5.72 8.61
N CYS A 172 1.89 -5.86 7.46
CA CYS A 172 3.34 -5.84 7.32
C CYS A 172 3.60 -5.22 5.95
N ASP A 173 4.80 -4.69 5.73
CA ASP A 173 5.22 -4.32 4.38
C ASP A 173 6.74 -4.25 4.28
N SER A 174 7.27 -3.82 3.14
CA SER A 174 8.71 -3.90 2.88
C SER A 174 9.50 -2.78 3.55
N GLN A 175 8.82 -1.84 4.19
CA GLN A 175 9.49 -0.85 5.03
C GLN A 175 9.68 -1.33 6.47
N CYS A 176 9.18 -2.52 6.80
CA CYS A 176 9.24 -3.05 8.16
C CYS A 176 8.74 -2.01 9.18
N PRO A 177 7.51 -1.51 8.98
CA PRO A 177 7.02 -0.39 9.78
C PRO A 177 7.00 -0.65 11.28
N ARG A 178 7.53 0.31 12.03
CA ARG A 178 7.58 0.24 13.49
C ARG A 178 6.50 1.09 14.14
N ASP A 179 5.68 1.77 13.34
CA ASP A 179 4.62 2.61 13.87
C ASP A 179 3.31 1.84 14.09
N LEU A 180 3.34 0.52 13.86
CA LEU A 180 2.17 -0.32 14.11
C LEU A 180 2.01 -0.55 15.60
N LYS A 181 0.76 -0.48 16.06
CA LYS A 181 0.46 -0.68 17.47
C LYS A 181 0.49 -2.14 17.88
N PHE A 182 0.14 -3.03 16.96
CA PHE A 182 0.15 -4.47 17.18
C PHE A 182 0.90 -5.17 16.08
N ILE A 183 1.82 -6.04 16.48
CA ILE A 183 2.63 -6.83 15.56
C ILE A 183 2.72 -8.25 16.09
N ALA A 184 2.25 -9.20 15.28
CA ALA A 184 2.39 -10.63 15.56
C ALA A 184 1.82 -11.07 16.92
N GLY A 185 0.70 -10.47 17.29
CA GLY A 185 -0.02 -10.88 18.51
C GLY A 185 0.44 -10.21 19.79
N SER A 186 1.30 -9.21 19.69
CA SER A 186 1.72 -8.41 20.84
C SER A 186 1.52 -6.96 20.51
N ALA A 187 1.32 -6.12 21.53
CA ALA A 187 1.40 -4.68 21.32
C ALA A 187 2.85 -4.29 21.02
N ASN A 188 3.04 -3.06 20.57
CA ASN A 188 4.37 -2.53 20.25
C ASN A 188 4.73 -1.36 21.17
N VAL A 189 4.28 -1.43 22.42
CA VAL A 189 4.49 -0.36 23.40
C VAL A 189 5.93 -0.29 23.93
N GLN A 190 6.58 -1.45 24.04
CA GLN A 190 7.97 -1.47 24.49
C GLN A 190 8.88 -0.82 23.45
N GLY A 191 9.60 0.21 23.88
CA GLY A 191 10.47 0.99 23.00
C GLY A 191 9.77 2.14 22.29
N TRP A 192 8.49 2.35 22.58
CA TRP A 192 7.71 3.37 21.87
C TRP A 192 8.24 4.78 22.14
N GLU A 193 8.49 5.49 21.05
CA GLU A 193 8.97 6.87 21.09
C GLU A 193 8.06 7.67 20.16
N PRO A 194 7.37 8.70 20.69
CA PRO A 194 6.56 9.56 19.82
C PRO A 194 7.37 10.18 18.68
N ALA A 195 6.72 10.38 17.53
CA ALA A 195 7.36 10.94 16.35
C ALA A 195 7.73 12.40 16.57
N ASN A 200 -0.03 11.34 14.84
CA ASN A 200 -0.67 10.37 15.72
C ASN A 200 0.16 9.11 15.87
N SER A 201 1.47 9.23 15.69
N SER A 201 1.47 9.23 15.69
CA SER A 201 2.33 8.07 15.55
CA SER A 201 2.33 8.07 15.55
C SER A 201 3.61 8.17 16.37
C SER A 201 3.60 8.18 16.36
N GLY A 202 4.28 7.04 16.47
CA GLY A 202 5.57 6.95 17.12
C GLY A 202 6.19 5.71 16.52
N LEU A 203 7.35 5.33 17.00
CA LEU A 203 8.02 4.12 16.57
C LEU A 203 8.22 3.25 17.79
N GLY A 204 7.77 2.00 17.70
CA GLY A 204 8.00 1.03 18.76
C GLY A 204 9.28 0.26 18.54
N GLY A 205 9.59 -0.64 19.47
CA GLY A 205 10.80 -1.45 19.40
C GLY A 205 10.82 -2.40 18.23
N ASN A 206 9.65 -2.82 17.76
CA ASN A 206 9.56 -3.81 16.68
C ASN A 206 8.93 -3.28 15.40
N GLY A 207 9.33 -3.88 14.28
CA GLY A 207 8.71 -3.62 12.99
C GLY A 207 8.12 -4.88 12.39
N SER A 208 7.27 -4.70 11.39
CA SER A 208 6.52 -5.80 10.78
C SER A 208 6.86 -5.92 9.29
N CYS A 209 7.70 -6.89 8.96
CA CYS A 209 8.31 -7.03 7.63
C CYS A 209 7.60 -8.04 6.77
N CYS A 210 7.46 -7.73 5.49
CA CYS A 210 7.10 -8.74 4.48
C CYS A 210 7.35 -8.19 3.08
N ALA A 211 7.21 -9.05 2.08
CA ALA A 211 7.29 -8.63 0.68
C ALA A 211 6.10 -7.71 0.37
N GLU A 212 6.20 -6.96 -0.71
CA GLU A 212 5.19 -5.96 -1.02
C GLU A 212 5.16 -5.71 -2.52
N LEU A 213 3.97 -5.83 -3.11
CA LEU A 213 3.76 -5.55 -4.51
C LEU A 213 2.99 -4.25 -4.66
N ASP A 214 3.68 -3.16 -4.96
CA ASP A 214 3.01 -1.86 -5.13
C ASP A 214 2.49 -1.74 -6.53
N ILE A 215 1.28 -2.25 -6.76
CA ILE A 215 0.65 -2.22 -8.06
C ILE A 215 0.48 -0.78 -8.50
N TRP A 216 0.10 0.07 -7.56
CA TRP A 216 -0.31 1.42 -7.88
C TRP A 216 0.01 2.35 -6.72
N GLU A 217 0.96 3.26 -6.94
CA GLU A 217 1.15 4.40 -6.04
C GLU A 217 1.13 5.61 -6.90
N ALA A 218 0.18 6.51 -6.66
CA ALA A 218 -0.06 7.57 -7.62
C ALA A 218 -0.86 8.74 -7.10
N ASN A 219 -0.70 9.85 -7.79
CA ASN A 219 -1.61 10.97 -7.69
C ASN A 219 -1.83 11.49 -9.10
N SER A 220 -2.35 12.71 -9.22
CA SER A 220 -2.61 13.27 -10.55
C SER A 220 -1.34 13.63 -11.33
N ILE A 221 -0.19 13.68 -10.66
N ILE A 221 -0.19 13.65 -10.66
CA ILE A 221 1.07 14.08 -11.28
CA ILE A 221 1.06 14.09 -11.27
C ILE A 221 1.89 12.89 -11.77
C ILE A 221 1.92 12.91 -11.76
N SER A 222 2.15 11.94 -10.88
CA SER A 222 3.01 10.78 -11.19
C SER A 222 2.44 9.49 -10.62
N ALA A 223 2.82 8.38 -11.24
CA ALA A 223 2.44 7.05 -10.81
C ALA A 223 3.66 6.14 -10.84
N ALA A 224 3.71 5.16 -9.93
CA ALA A 224 4.78 4.18 -9.91
C ALA A 224 4.23 2.77 -9.65
N LEU A 225 4.84 1.80 -10.32
CA LEU A 225 4.55 0.38 -10.16
C LEU A 225 5.83 -0.24 -9.63
N THR A 226 5.76 -0.88 -8.46
CA THR A 226 6.99 -1.26 -7.75
C THR A 226 6.86 -2.54 -6.93
N PRO A 227 7.39 -3.66 -7.45
CA PRO A 227 7.54 -4.82 -6.58
C PRO A 227 8.73 -4.67 -5.62
N HIS A 228 8.58 -5.17 -4.40
CA HIS A 228 9.62 -5.18 -3.37
C HIS A 228 9.80 -6.61 -2.88
N SER A 229 11.04 -7.08 -2.87
CA SER A 229 11.34 -8.44 -2.41
C SER A 229 11.57 -8.48 -0.90
N ALA A 230 11.68 -9.70 -0.37
CA ALA A 230 11.97 -9.93 1.05
C ALA A 230 12.54 -11.34 1.22
N ASP A 231 13.49 -11.48 2.15
CA ASP A 231 14.09 -12.79 2.46
C ASP A 231 13.03 -13.82 2.83
N THR A 232 12.12 -13.42 3.71
CA THR A 232 10.94 -14.19 4.01
C THR A 232 9.74 -13.37 3.57
N VAL A 233 8.90 -13.94 2.71
CA VAL A 233 7.86 -13.15 2.05
C VAL A 233 6.70 -12.80 2.96
N THR A 234 6.40 -13.67 3.91
CA THR A 234 5.34 -13.45 4.89
C THR A 234 5.89 -12.68 6.11
N GLN A 235 5.03 -12.35 7.05
CA GLN A 235 5.39 -11.50 8.18
C GLN A 235 6.55 -12.04 8.99
N THR A 236 7.54 -11.18 9.25
CA THR A 236 8.54 -11.42 10.27
C THR A 236 8.65 -10.16 11.12
N VAL A 237 9.11 -10.34 12.35
CA VAL A 237 9.25 -9.26 13.31
C VAL A 237 10.73 -8.89 13.42
N CYS A 238 11.02 -7.59 13.42
CA CYS A 238 12.40 -7.11 13.46
C CYS A 238 12.66 -6.22 14.67
N ASN A 239 13.94 -5.99 14.93
CA ASN A 239 14.42 -5.30 16.12
C ASN A 239 14.96 -3.91 15.78
N GLY A 240 14.17 -2.89 16.09
CA GLY A 240 14.62 -1.50 16.00
C GLY A 240 15.27 -1.13 14.68
N ASP A 241 16.49 -0.60 14.75
CA ASP A 241 17.21 -0.14 13.57
C ASP A 241 17.63 -1.26 12.62
N ASP A 242 17.80 -2.47 13.16
CA ASP A 242 18.08 -3.64 12.34
C ASP A 242 16.92 -3.99 11.39
N CYS A 243 15.77 -3.35 11.58
CA CYS A 243 14.64 -3.49 10.65
C CYS A 243 14.97 -3.02 9.25
N GLY A 244 15.82 -2.01 9.15
CA GLY A 244 16.02 -1.31 7.89
C GLY A 244 14.73 -0.58 7.53
N GLY A 245 14.64 -0.15 6.28
CA GLY A 245 13.47 0.59 5.83
C GLY A 245 13.50 2.06 6.24
N THR A 246 12.35 2.72 6.12
N THR A 246 12.37 2.71 6.09
CA THR A 246 12.25 4.17 6.30
CA THR A 246 12.30 4.17 6.14
C THR A 246 12.40 4.61 7.75
C THR A 246 12.65 4.74 7.51
N TYR A 247 12.13 3.71 8.69
N TYR A 247 12.15 4.13 8.58
CA TYR A 247 12.20 4.08 10.09
CA TYR A 247 12.42 4.62 9.92
C TYR A 247 13.50 3.62 10.74
C TYR A 247 13.46 3.76 10.66
N SER A 248 14.60 3.63 10.00
CA SER A 248 15.85 3.08 10.53
C SER A 248 17.00 4.00 10.16
N ASN A 249 18.06 3.99 10.96
CA ASN A 249 19.26 4.76 10.68
C ASN A 249 20.16 4.10 9.64
N ASP A 250 19.82 2.87 9.25
CA ASP A 250 20.57 2.11 8.24
C ASP A 250 19.56 1.43 7.30
N ARG A 251 19.14 2.19 6.30
CA ARG A 251 18.01 1.82 5.43
C ARG A 251 18.08 0.41 4.83
N TYR A 252 19.28 -0.02 4.45
CA TYR A 252 19.44 -1.27 3.71
C TYR A 252 19.98 -2.43 4.56
N SER A 253 19.93 -2.27 5.89
CA SER A 253 20.52 -3.27 6.80
C SER A 253 19.56 -4.41 7.19
N GLY A 254 18.33 -4.38 6.66
CA GLY A 254 17.30 -5.34 7.05
C GLY A 254 17.13 -6.50 6.08
N THR A 255 16.01 -7.21 6.23
CA THR A 255 15.74 -8.43 5.47
C THR A 255 14.76 -8.21 4.32
N THR A 256 14.31 -6.96 4.14
CA THR A 256 13.44 -6.63 3.02
C THR A 256 14.10 -5.62 2.10
N ASP A 257 13.52 -5.49 0.92
CA ASP A 257 13.92 -4.51 -0.08
C ASP A 257 13.03 -3.28 0.06
N PRO A 258 13.55 -2.20 0.68
CA PRO A 258 12.70 -1.04 0.92
C PRO A 258 12.54 -0.13 -0.30
N ASP A 259 13.28 -0.38 -1.37
CA ASP A 259 13.23 0.47 -2.55
C ASP A 259 12.39 -0.10 -3.68
N GLY A 260 12.58 -1.38 -3.97
CA GLY A 260 11.82 -2.06 -5.00
C GLY A 260 12.40 -1.84 -6.39
N CYS A 261 11.85 -2.54 -7.37
CA CYS A 261 12.18 -2.26 -8.76
C CYS A 261 11.01 -1.48 -9.37
N ASP A 262 11.17 -0.17 -9.45
CA ASP A 262 10.07 0.72 -9.82
C ASP A 262 10.02 1.06 -11.30
N PHE A 263 8.79 1.20 -11.81
CA PHE A 263 8.55 1.85 -13.10
C PHE A 263 7.59 3.01 -12.92
N ASN A 264 8.17 4.21 -12.94
CA ASN A 264 7.46 5.48 -13.01
C ASN A 264 7.82 6.06 -14.38
N SER A 265 6.82 6.22 -15.24
CA SER A 265 7.05 6.67 -16.62
C SER A 265 7.91 7.94 -16.71
N TYR A 266 7.64 8.89 -15.83
CA TYR A 266 8.35 10.17 -15.78
C TYR A 266 9.81 9.94 -15.38
N ARG A 267 10.02 9.13 -14.35
CA ARG A 267 11.38 8.83 -13.90
C ARG A 267 12.16 8.10 -14.98
N GLN A 268 11.45 7.30 -15.77
CA GLN A 268 12.06 6.57 -16.89
C GLN A 268 12.14 7.38 -18.19
N GLY A 269 11.96 8.71 -18.10
CA GLY A 269 12.31 9.61 -19.19
C GLY A 269 11.17 10.17 -20.00
N ASP A 270 9.97 9.62 -19.84
CA ASP A 270 8.82 10.07 -20.63
C ASP A 270 7.90 10.96 -19.79
N THR A 271 8.07 12.26 -19.95
CA THR A 271 7.33 13.25 -19.15
C THR A 271 5.99 13.62 -19.78
N SER A 272 5.74 13.12 -20.99
CA SER A 272 4.51 13.41 -21.73
C SER A 272 3.39 12.38 -21.54
N PHE A 273 3.67 11.30 -20.81
CA PHE A 273 2.81 10.12 -20.82
C PHE A 273 1.68 10.15 -19.78
N TYR A 274 2.03 10.42 -18.54
CA TYR A 274 1.08 10.31 -17.43
C TYR A 274 0.97 11.64 -16.69
N GLY A 275 -0.24 12.17 -16.57
CA GLY A 275 -0.45 13.41 -15.84
C GLY A 275 -1.58 14.24 -16.39
N PRO A 276 -1.72 15.48 -15.89
CA PRO A 276 -2.85 16.30 -16.30
C PRO A 276 -2.73 16.72 -17.76
N GLY A 277 -3.75 16.39 -18.54
CA GLY A 277 -3.76 16.64 -19.98
C GLY A 277 -2.81 15.78 -20.81
N LYS A 278 -2.27 14.71 -20.21
CA LYS A 278 -1.27 13.89 -20.89
C LYS A 278 -1.92 12.65 -21.53
N THR A 279 -1.10 11.75 -22.07
CA THR A 279 -1.62 10.59 -22.80
C THR A 279 -2.57 9.77 -21.93
N VAL A 280 -2.15 9.47 -20.71
CA VAL A 280 -3.05 8.99 -19.68
C VAL A 280 -3.40 10.25 -18.90
N ASP A 281 -4.60 10.76 -19.13
CA ASP A 281 -5.01 12.07 -18.65
C ASP A 281 -5.65 11.95 -17.27
N THR A 282 -4.92 12.41 -16.26
CA THR A 282 -5.36 12.26 -14.87
C THR A 282 -6.51 13.19 -14.49
N ASN A 283 -6.93 14.08 -15.39
CA ASN A 283 -8.13 14.86 -15.14
C ASN A 283 -9.41 14.01 -15.19
N SER A 284 -9.31 12.81 -15.77
CA SER A 284 -10.44 11.89 -15.85
C SER A 284 -10.08 10.49 -15.38
N LYS A 285 -11.12 9.71 -15.08
CA LYS A 285 -10.97 8.29 -14.73
C LYS A 285 -10.25 7.53 -15.84
N PHE A 286 -9.53 6.49 -15.44
CA PHE A 286 -8.90 5.58 -16.39
C PHE A 286 -8.76 4.20 -15.77
N THR A 287 -8.53 3.21 -16.62
CA THR A 287 -8.35 1.83 -16.21
C THR A 287 -6.86 1.50 -16.16
N VAL A 288 -6.45 0.82 -15.09
CA VAL A 288 -5.06 0.39 -14.89
C VAL A 288 -5.03 -1.13 -14.91
N VAL A 289 -4.32 -1.69 -15.88
CA VAL A 289 -4.17 -3.14 -16.04
C VAL A 289 -2.74 -3.52 -15.67
N THR A 290 -2.58 -4.54 -14.83
CA THR A 290 -1.24 -5.00 -14.44
C THR A 290 -1.17 -6.52 -14.60
N GLN A 291 -0.26 -6.97 -15.45
CA GLN A 291 -0.17 -8.38 -15.85
C GLN A 291 1.08 -9.03 -15.26
N PHE A 292 0.92 -10.25 -14.75
CA PHE A 292 2.02 -10.97 -14.09
C PHE A 292 2.37 -12.21 -14.90
N LEU A 293 3.36 -12.05 -15.78
N LEU A 293 3.36 -12.07 -15.76
CA LEU A 293 3.78 -13.11 -16.69
CA LEU A 293 3.77 -13.12 -16.68
C LEU A 293 4.87 -13.96 -16.04
C LEU A 293 4.89 -13.95 -16.07
N THR A 294 4.94 -15.22 -16.46
CA THR A 294 5.90 -16.16 -15.90
C THR A 294 6.84 -16.72 -16.97
N ASP A 295 7.93 -17.33 -16.52
CA ASP A 295 8.77 -18.14 -17.39
C ASP A 295 8.13 -19.53 -17.56
N SER A 296 8.81 -20.44 -18.24
CA SER A 296 8.27 -21.79 -18.47
C SER A 296 8.20 -22.68 -17.22
N SER A 297 8.82 -22.25 -16.13
CA SER A 297 8.75 -22.94 -14.84
C SER A 297 7.66 -22.39 -13.91
N GLY A 298 6.92 -21.38 -14.39
CA GLY A 298 5.83 -20.78 -13.61
C GLY A 298 6.28 -19.76 -12.59
N ASN A 299 7.51 -19.30 -12.70
CA ASN A 299 8.02 -18.23 -11.84
C ASN A 299 7.84 -16.89 -12.53
N LEU A 300 7.43 -15.89 -11.75
CA LEU A 300 7.24 -14.55 -12.29
C LEU A 300 8.50 -14.08 -13.01
N ASN A 301 8.36 -13.57 -14.23
CA ASN A 301 9.50 -12.97 -14.92
C ASN A 301 9.23 -11.61 -15.59
N GLU A 302 7.98 -11.14 -15.54
CA GLU A 302 7.65 -9.87 -16.16
C GLU A 302 6.35 -9.32 -15.61
N ILE A 303 6.34 -8.02 -15.33
CA ILE A 303 5.11 -7.32 -14.99
C ILE A 303 4.86 -6.28 -16.07
N LYS A 304 3.73 -6.41 -16.77
CA LYS A 304 3.35 -5.43 -17.79
C LYS A 304 2.21 -4.56 -17.31
N ARG A 305 2.11 -3.39 -17.93
CA ARG A 305 1.12 -2.39 -17.58
C ARG A 305 0.44 -1.90 -18.85
N PHE A 306 -0.89 -1.87 -18.85
CA PHE A 306 -1.65 -1.15 -19.87
C PHE A 306 -2.63 -0.21 -19.19
N TYR A 307 -3.01 0.85 -19.89
CA TYR A 307 -4.07 1.74 -19.44
C TYR A 307 -5.19 1.71 -20.46
N VAL A 308 -6.41 1.99 -20.01
CA VAL A 308 -7.51 2.20 -20.94
C VAL A 308 -8.20 3.49 -20.54
N GLN A 309 -8.34 4.39 -21.51
CA GLN A 309 -9.07 5.65 -21.30
C GLN A 309 -9.77 6.05 -22.58
N ASN A 310 -11.03 6.46 -22.47
CA ASN A 310 -11.86 6.75 -23.64
C ASN A 310 -11.98 5.55 -24.57
N GLY A 311 -11.95 4.34 -24.01
CA GLY A 311 -12.01 3.11 -24.81
C GLY A 311 -10.77 2.76 -25.63
N VAL A 312 -9.68 3.48 -25.40
CA VAL A 312 -8.42 3.28 -26.12
C VAL A 312 -7.43 2.54 -25.23
N VAL A 313 -6.88 1.44 -25.73
CA VAL A 313 -5.87 0.68 -25.01
C VAL A 313 -4.52 1.37 -25.21
N ILE A 314 -3.89 1.72 -24.10
CA ILE A 314 -2.64 2.47 -24.10
C ILE A 314 -1.53 1.62 -23.49
N PRO A 315 -0.59 1.14 -24.32
CA PRO A 315 0.56 0.45 -23.75
C PRO A 315 1.37 1.35 -22.83
N ASN A 316 2.05 0.74 -21.86
CA ASN A 316 2.93 1.51 -20.99
C ASN A 316 4.00 2.18 -21.82
N SER A 317 4.43 3.36 -21.40
CA SER A 317 5.46 4.09 -22.11
C SER A 317 6.79 3.38 -22.04
N GLN A 318 7.59 3.52 -23.10
CA GLN A 318 8.94 2.99 -23.11
C GLN A 318 9.79 3.83 -22.18
N SER A 319 10.70 3.17 -21.47
CA SER A 319 11.77 3.86 -20.78
C SER A 319 12.71 4.43 -21.85
N THR A 320 13.05 5.71 -21.72
CA THR A 320 13.89 6.38 -22.72
C THR A 320 15.29 6.64 -22.21
N ILE A 321 15.58 6.19 -20.99
CA ILE A 321 16.87 6.47 -20.36
C ILE A 321 17.92 5.64 -21.09
N ALA A 322 19.03 6.26 -21.47
CA ALA A 322 20.09 5.51 -22.14
C ALA A 322 20.56 4.41 -21.21
N GLY A 323 20.50 3.18 -21.69
CA GLY A 323 20.88 2.00 -20.89
C GLY A 323 19.71 1.30 -20.21
N ILE A 324 18.51 1.90 -20.25
CA ILE A 324 17.31 1.28 -19.68
C ILE A 324 16.18 1.31 -20.69
N SER A 325 15.98 0.22 -21.41
CA SER A 325 14.94 0.17 -22.44
C SER A 325 13.76 -0.69 -22.00
N GLY A 326 12.71 -0.69 -22.83
CA GLY A 326 11.52 -1.49 -22.59
C GLY A 326 10.46 -0.72 -21.81
N ASN A 327 9.25 -1.30 -21.75
CA ASN A 327 8.13 -0.68 -21.06
C ASN A 327 7.52 -1.56 -19.99
N SER A 328 8.30 -2.51 -19.47
CA SER A 328 7.80 -3.45 -18.48
C SER A 328 8.88 -3.76 -17.45
N ILE A 329 8.47 -4.36 -16.34
CA ILE A 329 9.40 -4.75 -15.29
C ILE A 329 9.85 -6.19 -15.50
N THR A 330 11.14 -6.36 -15.79
CA THR A 330 11.76 -7.65 -16.04
C THR A 330 13.09 -7.67 -15.32
N GLN A 331 13.75 -8.82 -15.27
N GLN A 331 13.71 -8.84 -15.27
CA GLN A 331 15.08 -8.89 -14.65
CA GLN A 331 15.07 -9.01 -14.76
C GLN A 331 16.08 -7.98 -15.39
C GLN A 331 16.03 -8.01 -15.39
N ASP A 332 16.03 -7.98 -16.72
CA ASP A 332 16.92 -7.11 -17.50
C ASP A 332 16.67 -5.63 -17.18
N TYR A 333 15.40 -5.24 -17.09
CA TYR A 333 15.06 -3.86 -16.74
C TYR A 333 15.58 -3.49 -15.35
N CYS A 334 15.32 -4.34 -14.37
CA CYS A 334 15.69 -4.03 -12.98
C CYS A 334 17.20 -3.94 -12.80
N THR A 335 17.92 -4.87 -13.39
CA THR A 335 19.38 -4.83 -13.35
C THR A 335 19.91 -3.53 -13.97
N ALA A 336 19.43 -3.22 -15.16
CA ALA A 336 19.85 -2.03 -15.89
C ALA A 336 19.51 -0.76 -15.13
N GLN A 337 18.29 -0.68 -14.63
CA GLN A 337 17.82 0.52 -13.97
C GLN A 337 18.63 0.82 -12.71
N LYS A 338 18.91 -0.20 -11.91
CA LYS A 338 19.67 0.00 -10.68
C LYS A 338 21.12 0.37 -10.99
N GLN A 339 21.70 -0.21 -12.02
CA GLN A 339 23.05 0.16 -12.47
C GLN A 339 23.11 1.58 -13.00
N VAL A 340 22.17 1.93 -13.87
CA VAL A 340 22.18 3.24 -14.51
C VAL A 340 21.81 4.37 -13.54
N PHE A 341 20.84 4.13 -12.67
CA PHE A 341 20.47 5.14 -11.66
C PHE A 341 21.43 5.18 -10.47
N GLY A 342 22.22 4.12 -10.31
CA GLY A 342 23.16 4.05 -9.19
C GLY A 342 22.46 3.84 -7.86
N ASP A 343 21.37 3.06 -7.89
CA ASP A 343 20.64 2.73 -6.67
C ASP A 343 20.99 1.30 -6.27
N THR A 344 21.13 1.08 -4.95
CA THR A 344 21.48 -0.23 -4.44
C THR A 344 20.40 -1.23 -4.82
N ASN A 345 20.82 -2.36 -5.40
CA ASN A 345 19.87 -3.33 -5.90
C ASN A 345 19.43 -4.29 -4.80
N THR A 346 18.74 -3.76 -3.79
CA THR A 346 18.19 -4.57 -2.71
C THR A 346 17.05 -5.46 -3.24
N TRP A 347 16.44 -5.03 -4.34
CA TRP A 347 15.47 -5.85 -5.07
C TRP A 347 16.05 -7.23 -5.36
N GLU A 348 17.17 -7.29 -6.09
N GLU A 348 17.24 -7.26 -5.97
CA GLU A 348 17.76 -8.58 -6.47
CA GLU A 348 17.96 -8.51 -6.18
C GLU A 348 18.31 -9.30 -5.24
C GLU A 348 18.52 -9.11 -4.89
N ASP A 349 18.91 -8.52 -4.34
N ASP A 349 19.07 -8.29 -4.00
CA ASP A 349 19.55 -9.06 -3.12
CA ASP A 349 19.65 -8.86 -2.81
C ASP A 349 18.60 -9.93 -2.30
C ASP A 349 18.68 -9.78 -2.07
N HIS A 350 17.39 -9.42 -2.07
CA HIS A 350 16.39 -10.16 -1.30
C HIS A 350 15.49 -11.08 -2.13
N GLY A 351 15.91 -11.43 -3.34
CA GLY A 351 15.32 -12.52 -4.10
C GLY A 351 14.51 -12.14 -5.32
N GLY A 352 14.38 -10.83 -5.56
CA GLY A 352 13.76 -10.32 -6.79
C GLY A 352 12.50 -11.06 -7.21
N PHE A 353 12.48 -11.52 -8.46
CA PHE A 353 11.28 -12.13 -9.04
C PHE A 353 10.89 -13.44 -8.35
N GLN A 354 11.87 -14.17 -7.85
CA GLN A 354 11.58 -15.40 -7.12
C GLN A 354 10.88 -15.10 -5.80
N SER A 355 11.31 -14.02 -5.14
CA SER A 355 10.67 -13.58 -3.90
C SER A 355 9.20 -13.23 -4.17
N MET A 356 8.94 -12.48 -5.23
N MET A 356 8.94 -12.49 -5.24
CA MET A 356 7.57 -12.10 -5.56
CA MET A 356 7.57 -12.11 -5.58
C MET A 356 6.72 -13.31 -5.97
C MET A 356 6.72 -13.32 -5.96
N THR A 357 7.33 -14.26 -6.68
CA THR A 357 6.66 -15.52 -7.00
C THR A 357 6.21 -16.21 -5.72
N ASN A 358 7.10 -16.29 -4.75
CA ASN A 358 6.79 -16.92 -3.48
C ASN A 358 5.74 -16.15 -2.67
N ALA A 359 5.75 -14.82 -2.78
CA ALA A 359 4.72 -14.01 -2.13
C ALA A 359 3.33 -14.33 -2.70
N PHE A 360 3.22 -14.46 -4.02
CA PHE A 360 1.96 -14.84 -4.65
C PHE A 360 1.51 -16.23 -4.21
N LYS A 361 2.46 -17.16 -4.11
CA LYS A 361 2.14 -18.51 -3.67
C LYS A 361 1.67 -18.56 -2.22
N ALA A 362 2.19 -17.66 -1.38
CA ALA A 362 1.72 -17.53 0.01
C ALA A 362 0.30 -16.98 0.04
N GLY A 363 -0.02 -16.09 -0.90
CA GLY A 363 -1.32 -15.47 -0.99
C GLY A 363 -1.20 -14.01 -0.57
N MET A 364 -1.56 -13.12 -1.49
N MET A 364 -1.55 -13.10 -1.46
CA MET A 364 -1.49 -11.67 -1.31
CA MET A 364 -1.41 -11.69 -1.14
C MET A 364 -2.84 -11.11 -0.84
C MET A 364 -2.77 -11.04 -0.90
N VAL A 365 -2.80 -10.16 0.10
CA VAL A 365 -4.00 -9.41 0.50
C VAL A 365 -3.98 -8.05 -0.21
N LEU A 366 -5.13 -7.63 -0.71
CA LEU A 366 -5.30 -6.35 -1.41
C LEU A 366 -5.49 -5.21 -0.42
N VAL A 367 -4.66 -4.19 -0.55
CA VAL A 367 -4.67 -3.01 0.30
C VAL A 367 -5.04 -1.82 -0.54
N MET A 368 -6.00 -1.02 -0.07
CA MET A 368 -6.34 0.24 -0.70
C MET A 368 -6.24 1.34 0.35
N SER A 369 -5.40 2.32 0.07
CA SER A 369 -5.08 3.36 1.04
C SER A 369 -4.98 4.72 0.41
N LEU A 370 -4.96 5.73 1.27
CA LEU A 370 -4.74 7.11 0.88
C LEU A 370 -3.93 7.75 1.99
N TRP A 371 -2.77 8.32 1.64
CA TRP A 371 -1.88 8.86 2.65
C TRP A 371 -1.02 10.02 2.17
N ASP A 372 -0.52 10.79 3.13
CA ASP A 372 0.58 11.71 2.92
C ASP A 372 1.80 11.17 3.66
N ASP A 373 2.96 11.74 3.36
CA ASP A 373 4.23 11.12 3.67
C ASP A 373 5.05 12.00 4.60
N TYR A 374 5.10 11.60 5.86
CA TYR A 374 5.81 12.37 6.90
C TYR A 374 7.33 12.23 6.84
N TYR A 375 7.83 11.25 6.10
CA TYR A 375 9.28 11.07 5.95
C TYR A 375 9.86 11.92 4.82
N ALA A 376 9.27 11.82 3.63
CA ALA A 376 9.85 12.45 2.43
C ALA A 376 8.85 13.23 1.57
N ASP A 377 7.70 13.60 2.14
CA ASP A 377 6.72 14.46 1.47
C ASP A 377 6.24 13.97 0.10
N MET A 378 6.37 12.67 -0.14
CA MET A 378 6.01 12.04 -1.41
C MET A 378 6.89 12.50 -2.57
N LEU A 379 8.04 13.08 -2.25
CA LEU A 379 8.91 13.65 -3.30
C LEU A 379 9.54 12.55 -4.15
N TRP A 380 9.78 11.40 -3.54
CA TRP A 380 10.23 10.21 -4.27
C TRP A 380 9.28 9.81 -5.42
N LEU A 381 8.00 10.16 -5.30
CA LEU A 381 6.99 9.84 -6.31
C LEU A 381 6.83 10.93 -7.36
N ASP A 382 6.81 12.19 -6.94
CA ASP A 382 6.32 13.26 -7.83
C ASP A 382 7.18 14.52 -7.95
N SER A 383 8.37 14.53 -7.37
CA SER A 383 9.21 15.74 -7.33
C SER A 383 10.03 15.92 -8.61
N VAL A 384 10.27 17.17 -8.96
CA VAL A 384 11.27 17.51 -9.98
C VAL A 384 12.65 16.97 -9.64
N ALA A 385 12.92 16.75 -8.35
CA ALA A 385 14.17 16.15 -7.92
C ALA A 385 14.03 15.43 -6.58
N TYR A 386 14.45 14.17 -6.55
CA TYR A 386 14.60 13.44 -5.31
C TYR A 386 15.91 12.64 -5.35
N PRO A 387 16.80 12.84 -4.37
CA PRO A 387 16.67 13.84 -3.30
C PRO A 387 16.47 15.28 -3.83
N THR A 388 15.91 16.15 -3.00
CA THR A 388 15.57 17.51 -3.41
C THR A 388 16.78 18.30 -3.88
N ASP A 389 17.95 17.99 -3.32
CA ASP A 389 19.20 18.66 -3.64
C ASP A 389 19.93 18.08 -4.85
N ALA A 390 19.41 16.99 -5.41
CA ALA A 390 20.08 16.29 -6.51
C ALA A 390 19.83 16.98 -7.85
N ASP A 391 20.71 16.70 -8.81
CA ASP A 391 20.66 17.29 -10.13
C ASP A 391 19.66 16.55 -11.02
N PRO A 392 18.59 17.25 -11.49
CA PRO A 392 17.66 16.60 -12.43
C PRO A 392 18.32 16.11 -13.74
N SER A 393 19.50 16.61 -14.08
CA SER A 393 20.29 16.07 -15.21
C SER A 393 20.74 14.63 -14.99
N THR A 394 20.85 14.22 -13.73
CA THR A 394 21.29 12.86 -13.41
C THR A 394 20.11 11.92 -13.57
N PRO A 395 20.28 10.82 -14.33
CA PRO A 395 19.17 9.88 -14.52
C PRO A 395 18.64 9.35 -13.20
N GLY A 396 17.31 9.33 -13.08
CA GLY A 396 16.63 8.80 -11.91
C GLY A 396 16.26 9.83 -10.86
N VAL A 397 16.74 11.06 -11.01
CA VAL A 397 16.49 12.09 -10.00
C VAL A 397 15.08 12.67 -10.11
N ALA A 398 14.65 13.00 -11.32
CA ALA A 398 13.32 13.58 -11.54
C ALA A 398 12.24 12.50 -11.59
N ARG A 399 11.16 12.70 -10.83
CA ARG A 399 10.03 11.75 -10.83
C ARG A 399 8.66 12.35 -11.16
N GLY A 400 8.58 13.68 -11.15
CA GLY A 400 7.35 14.39 -11.54
C GLY A 400 7.59 15.89 -11.63
N THR A 401 6.52 16.66 -11.62
CA THR A 401 6.58 18.12 -11.82
C THR A 401 6.41 18.92 -10.54
N CYS A 402 6.29 18.22 -9.41
CA CYS A 402 6.04 18.91 -8.15
C CYS A 402 7.30 19.57 -7.64
N SER A 403 7.15 20.75 -7.03
N SER A 403 7.13 20.74 -7.02
CA SER A 403 8.29 21.46 -6.48
CA SER A 403 8.24 21.46 -6.43
C SER A 403 8.87 20.69 -5.30
C SER A 403 8.88 20.66 -5.30
N THR A 404 10.15 20.95 -5.02
CA THR A 404 10.88 20.29 -3.94
C THR A 404 10.35 20.68 -2.54
N THR A 405 9.58 21.77 -2.47
CA THR A 405 8.93 22.22 -1.24
C THR A 405 7.48 21.74 -1.11
N SER A 406 7.03 20.88 -2.03
CA SER A 406 5.65 20.40 -2.03
C SER A 406 5.48 19.23 -1.06
N GLY A 407 4.22 18.93 -0.75
CA GLY A 407 3.85 17.72 -0.02
C GLY A 407 4.11 17.66 1.47
N VAL A 408 4.45 18.79 2.08
CA VAL A 408 4.65 18.80 3.54
C VAL A 408 3.29 18.55 4.19
N PRO A 409 3.18 17.50 5.03
CA PRO A 409 1.87 17.16 5.61
C PRO A 409 1.11 18.33 6.26
N SER A 410 1.79 19.13 7.07
CA SER A 410 1.14 20.29 7.71
C SER A 410 0.60 21.29 6.70
N ASP A 411 1.27 21.43 5.55
CA ASP A 411 0.78 22.28 4.46
C ASP A 411 -0.42 21.64 3.75
N ILE A 412 -0.23 20.42 3.25
CA ILE A 412 -1.25 19.82 2.37
C ILE A 412 -2.49 19.31 3.10
N GLU A 413 -2.37 19.03 4.41
CA GLU A 413 -3.55 18.64 5.15
C GLU A 413 -4.47 19.82 5.35
N SER A 414 -3.95 20.98 5.08
CA SER A 414 -4.79 22.13 4.96
C SER A 414 -5.22 22.41 3.51
N SER A 415 -4.25 22.70 2.67
CA SER A 415 -4.54 23.13 1.29
C SER A 415 -5.22 22.06 0.41
N ALA A 416 -4.99 20.79 0.72
CA ALA A 416 -5.59 19.69 -0.05
C ALA A 416 -6.55 18.85 0.80
N ALA A 417 -7.18 19.47 1.78
CA ALA A 417 -8.09 18.75 2.68
C ALA A 417 -9.28 18.10 1.97
N SER A 418 -9.67 18.62 0.80
N SER A 418 -9.66 18.62 0.80
CA SER A 418 -10.77 18.04 0.01
CA SER A 418 -10.76 18.06 0.01
C SER A 418 -10.34 16.88 -0.88
C SER A 418 -10.34 16.90 -0.90
N ALA A 419 -9.06 16.51 -0.85
CA ALA A 419 -8.55 15.44 -1.69
C ALA A 419 -9.21 14.09 -1.39
N TYR A 420 -9.26 13.24 -2.41
CA TYR A 420 -9.90 11.94 -2.31
C TYR A 420 -9.41 11.07 -3.47
N VAL A 421 -9.64 9.77 -3.35
CA VAL A 421 -9.40 8.84 -4.44
C VAL A 421 -10.60 7.90 -4.53
N ILE A 422 -10.91 7.43 -5.73
CA ILE A 422 -11.94 6.43 -5.93
C ILE A 422 -11.36 5.28 -6.72
N TYR A 423 -11.37 4.10 -6.13
CA TYR A 423 -11.02 2.86 -6.82
C TYR A 423 -12.32 2.16 -7.19
N SER A 424 -12.40 1.64 -8.42
CA SER A 424 -13.63 0.96 -8.81
C SER A 424 -13.42 -0.14 -9.84
N ASN A 425 -14.44 -0.97 -10.02
N ASN A 425 -14.44 -0.95 -10.01
CA ASN A 425 -14.47 -1.95 -11.09
CA ASN A 425 -14.48 -1.97 -11.07
C ASN A 425 -13.25 -2.87 -11.08
C ASN A 425 -13.24 -2.86 -11.07
N ILE A 426 -12.95 -3.45 -9.92
CA ILE A 426 -11.82 -4.36 -9.77
C ILE A 426 -12.13 -5.66 -10.50
N LYS A 427 -11.18 -6.12 -11.30
CA LYS A 427 -11.32 -7.34 -12.08
C LYS A 427 -10.03 -8.12 -12.03
N VAL A 428 -10.16 -9.44 -11.90
CA VAL A 428 -9.00 -10.32 -11.89
C VAL A 428 -9.27 -11.50 -12.82
N GLY A 429 -8.27 -11.93 -13.56
CA GLY A 429 -8.42 -13.08 -14.44
C GLY A 429 -7.17 -13.37 -15.25
N PRO A 430 -7.25 -14.33 -16.18
CA PRO A 430 -6.14 -14.63 -17.07
C PRO A 430 -5.71 -13.43 -17.90
N ILE A 431 -4.53 -13.53 -18.51
CA ILE A 431 -4.00 -12.45 -19.34
C ILE A 431 -5.01 -12.05 -20.43
N ASN A 432 -5.21 -10.73 -20.56
CA ASN A 432 -6.16 -10.12 -21.49
C ASN A 432 -7.65 -10.44 -21.27
N SER A 433 -8.00 -10.91 -20.07
CA SER A 433 -9.39 -11.24 -19.75
C SER A 433 -10.20 -10.05 -19.25
N THR A 434 -9.52 -9.02 -18.77
CA THR A 434 -10.18 -7.96 -17.99
C THR A 434 -10.36 -6.64 -18.72
N PHE A 435 -9.86 -6.55 -19.94
CA PHE A 435 -9.91 -5.28 -20.66
C PHE A 435 -9.94 -5.48 -22.16
N SER A 436 -10.38 -4.43 -22.85
CA SER A 436 -10.40 -4.38 -24.30
C SER A 436 -10.55 -2.91 -24.73
N GLY A 437 -10.42 -2.67 -26.02
CA GLY A 437 -10.55 -1.32 -26.57
C GLY A 437 -9.93 -1.20 -27.94
N THR A 438 -9.96 0.02 -28.47
CA THR A 438 -9.36 0.31 -29.78
C THR A 438 -7.87 0.60 -29.65
C1 NAG B . 11.47 -6.58 19.35
C2 NAG B . 12.63 -7.51 19.01
C3 NAG B . 13.48 -7.81 20.24
C4 NAG B . 13.86 -6.56 21.02
C5 NAG B . 12.64 -5.65 21.19
C6 NAG B . 13.01 -4.29 21.79
C7 NAG B . 12.53 -9.20 17.25
C8 NAG B . 11.94 -10.50 16.80
N2 NAG B . 12.13 -8.74 18.43
O3 NAG B . 14.63 -8.51 19.81
O4 NAG B . 14.29 -6.87 22.32
O5 NAG B . 12.01 -5.42 19.95
O6 NAG B . 11.83 -3.58 22.06
O7 NAG B . 13.34 -8.62 16.54
C1 NAG B . 15.72 -6.96 22.47
C2 NAG B . 16.08 -6.80 23.95
C3 NAG B . 17.59 -6.87 24.13
C4 NAG B . 18.19 -8.10 23.45
C5 NAG B . 17.57 -8.38 22.08
C6 NAG B . 17.87 -9.80 21.62
C7 NAG B . 14.40 -5.49 25.17
C8 NAG B . 14.00 -4.14 25.70
N2 NAG B . 15.55 -5.57 24.51
O3 NAG B . 17.89 -6.90 25.51
O4 NAG B . 19.56 -7.85 23.25
O5 NAG B . 16.17 -8.22 22.05
O6 NAG B . 17.12 -10.72 22.39
O7 NAG B . 13.65 -6.45 25.38
C1 MAN B . 20.41 -8.42 24.27
C2 MAN B . 21.83 -8.77 23.86
C3 MAN B . 22.43 -9.85 24.74
C4 MAN B . 22.11 -9.55 26.20
C5 MAN B . 20.60 -9.51 26.41
C6 MAN B . 20.23 -9.24 27.87
O2 MAN B . 22.65 -7.62 23.92
O3 MAN B . 23.82 -9.92 24.53
O4 MAN B . 22.68 -10.55 27.02
O5 MAN B . 20.02 -8.47 25.65
O6 MAN B . 18.83 -9.28 28.04
C1 SGC C . 16.19 6.53 -4.81
O1 SGC C . 16.96 7.64 -5.31
C2 SGC C . 15.97 6.72 -3.33
O2 SGC C . 17.24 6.73 -2.66
C3 SGC C . 15.12 5.60 -2.76
O3 SGC C . 14.77 5.94 -1.41
C4 SGC C . 13.85 5.41 -3.58
C5 SGC C . 14.19 5.28 -5.07
O5 SGC C . 14.92 6.46 -5.49
C6 SGC C . 12.95 5.10 -5.93
O6 SGC C . 12.05 6.15 -5.57
S4 SGC C . 13.05 3.94 -3.00
C1 SGC C . 11.51 4.62 -2.48
C2 SGC C . 10.47 3.53 -2.27
O2 SGC C . 10.15 2.93 -3.54
C3 SGC C . 9.21 4.11 -1.66
O3 SGC C . 8.33 3.04 -1.31
C4 SGC C . 9.57 4.93 -0.42
C5 SGC C . 10.65 5.95 -0.76
O5 SGC C . 11.81 5.27 -1.24
C6 SGC C . 11.07 6.81 0.44
O6 SGC C . 11.18 6.00 1.62
S4 SGC C . 8.16 5.83 0.17
C2 BGC C . 7.38 5.87 2.80
C3 BGC C . 7.14 4.96 3.99
C4 BGC C . 5.96 4.05 3.65
C5 BGC C . 6.16 3.32 2.31
C6 BGC C . 4.85 2.70 1.94
C1 BGC C . 7.73 4.96 1.64
O2 BGC C . 8.44 6.80 3.07
O3 BGC C . 6.85 5.74 5.16
O4 BGC C . 5.79 3.09 4.69
O5 BGC C . 6.55 4.24 1.29
O6 BGC C . 5.08 2.00 0.72
C1 SGC D . 1.90 2.84 3.34
O1 SGC D . 2.32 1.56 2.86
C2 SGC D . 0.48 2.70 3.86
O2 SGC D . -0.39 2.39 2.76
C3 SGC D . 0.02 4.00 4.50
O3 SGC D . -1.25 3.76 5.13
C4 SGC D . 1.03 4.50 5.52
C5 SGC D . 2.41 4.59 4.87
O5 SGC D . 2.79 3.27 4.40
C6 SGC D . 3.46 5.14 5.83
O6 SGC D . 3.50 4.20 6.91
S4 SGC D . 0.46 6.10 6.07
C1 SGC D . 0.85 6.01 7.80
C2 SGC D . 0.37 7.31 8.46
O2 SGC D . 1.19 8.40 8.00
C3 SGC D . 0.49 7.21 9.96
O3 SGC D . -0.09 8.38 10.56
C4 SGC D . -0.21 5.95 10.45
C5 SGC D . 0.47 4.76 9.80
O5 SGC D . 0.22 4.84 8.39
C6 SGC D . -0.06 3.43 10.34
O6 SGC D . 0.41 2.35 9.52
S4 SGC D . -0.14 5.95 12.23
C2 BGC D . -2.12 6.30 14.07
C3 BGC D . -3.61 6.37 14.34
C4 BGC D . -4.25 7.52 13.56
C5 BGC D . -3.87 7.38 12.08
C6 BGC D . -4.40 8.54 11.27
C1 BGC D . -1.88 6.12 12.58
O2 BGC D . -1.55 5.18 14.76
O3 BGC D . -3.84 6.56 15.75
O4 BGC D . -5.70 7.48 13.72
O5 BGC D . -2.43 7.30 11.92
O6 BGC D . -3.66 9.68 11.74
C1 NAG E . -4.91 4.69 32.17
C2 NAG E . -5.81 5.90 32.45
C3 NAG E . -6.24 5.91 33.90
C4 NAG E . -6.86 4.57 34.28
C5 NAG E . -5.93 3.43 33.89
C6 NAG E . -6.55 2.06 34.18
C7 NAG E . -5.20 7.66 30.86
C8 NAG E . -4.52 8.99 30.69
N2 NAG E . -5.18 7.17 32.10
O3 NAG E . -7.18 6.95 34.07
O4 NAG E . -7.05 4.55 35.69
O5 NAG E . -5.60 3.52 32.52
O6 NAG E . -7.83 1.96 33.59
O7 NAG E . -5.72 7.10 29.89
C1 NAG F . -2.66 -9.63 -24.99
C2 NAG F . -1.69 -10.55 -25.73
C3 NAG F . -0.40 -9.87 -26.16
C4 NAG F . -0.68 -8.48 -26.72
C5 NAG F . -1.47 -7.69 -25.69
C6 NAG F . -1.69 -6.24 -26.11
C7 NAG F . -1.95 -12.88 -24.99
C8 NAG F . -1.52 -13.93 -24.01
N2 NAG F . -1.38 -11.68 -24.87
O3 NAG F . 0.24 -10.67 -27.15
O4 NAG F . 0.54 -7.83 -27.01
O5 NAG F . -2.72 -8.31 -25.50
O6 NAG F . -2.31 -6.19 -27.37
O7 NAG F . -2.79 -13.15 -25.83
C1 GOL G . -1.73 8.53 28.82
O1 GOL G . -0.31 8.68 28.83
C2 GOL G . -2.20 8.07 27.44
O2 GOL G . -2.18 9.19 26.54
C3 GOL G . -3.61 7.50 27.51
O3 GOL G . -3.85 6.63 26.41
C1 GOL H . -18.78 7.14 -3.03
O1 GOL H . -18.73 5.73 -3.25
C2 GOL H . -18.94 7.90 -4.34
O2 GOL H . -17.91 7.52 -5.25
C3 GOL H . -18.92 9.42 -4.09
O3 GOL H . -18.07 10.10 -5.03
C1 GOL I . -4.16 2.05 -29.55
O1 GOL I . -4.88 1.74 -30.75
C2 GOL I . -2.88 2.81 -29.89
O2 GOL I . -2.02 1.99 -30.70
C3 GOL I . -2.15 3.18 -28.61
O3 GOL I . -2.86 4.23 -27.93
C1 GOL J . 6.48 -10.34 23.45
O1 GOL J . 5.23 -9.74 23.79
C2 GOL J . 7.49 -9.28 23.01
O2 GOL J . 7.70 -8.31 24.05
C3 GOL J . 6.99 -8.57 21.75
O3 GOL J . 7.96 -7.62 21.31
C1 GOL K . 4.05 -23.84 -15.91
O1 GOL K . 3.70 -24.26 -14.59
C2 GOL K . 3.95 -22.33 -15.99
O2 GOL K . 2.59 -21.91 -15.75
C3 GOL K . 4.43 -21.82 -17.35
O3 GOL K . 4.51 -20.40 -17.34
C1 GOL L . 18.29 -14.41 3.92
O1 GOL L . 18.08 -15.57 4.74
C2 GOL L . 19.58 -14.54 3.10
O2 GOL L . 20.72 -14.37 3.96
C3 GOL L . 19.60 -13.51 1.99
O3 GOL L . 19.09 -14.07 0.79
MG MG M . 7.84 -5.53 21.22
#